data_5ND0
#
_entry.id   5ND0
#
_cell.length_a   149.740
_cell.length_b   44.243
_cell.length_c   34.832
_cell.angle_alpha   90.00
_cell.angle_beta   101.47
_cell.angle_gamma   90.00
#
_symmetry.space_group_name_H-M   'C 1 2 1'
#
loop_
_entity.id
_entity.type
_entity.pdbx_description
1 polymer 'Protein enabled homolog'
2 polymer 5,6-DIHYDRO-BENZO[H]CINNOLIN-3-YLAMINE
3 non-polymer 'SULFATE ION'
4 non-polymer 'NITRATE ION'
5 water water
#
loop_
_entity_poly.entity_id
_entity_poly.type
_entity_poly.pdbx_seq_one_letter_code
_entity_poly.pdbx_strand_id
1 'polypeptide(L)'
;GSMSEQSICQARAAVMVYDDANKKWVPAGGSTGFSRVHIYHHTGNNTFRVVGRKIQDHQVVINCAIPKGLKYNQATQTFH
QWRDARQVYGLNFGSKEDANVFASAMMHALEVL
;
A,B
2 'polypeptide(L)' (ACE)(2L5)PP(8TQ)TEDE(NLW) C,F
#
loop_
_chem_comp.id
_chem_comp.type
_chem_comp.name
_chem_comp.formula
8TQ non-polymer (3~{S},7~{R},10~{R},13~{S})-2-oxidanylidene-1,4-diazatricyclo[8.3.0.0^{3,7}]tridec-8-ene-13-carbaldehyde 'C12 H16 N2 O2'
ACE non-polymer 'ACETYL GROUP' 'C2 H4 O'
NO3 non-polymer 'NITRATE ION' 'N O3 -1'
SO4 non-polymer 'SULFATE ION' 'O4 S -2'
#
# COMPACT_ATOMS: atom_id res chain seq x y z
N GLU A 5 8.27 -3.34 18.42
CA GLU A 5 7.26 -2.48 17.80
C GLU A 5 6.44 -3.25 16.77
N GLN A 6 5.11 -3.17 16.91
CA GLN A 6 4.18 -3.88 16.05
C GLN A 6 3.39 -2.86 15.23
N SER A 7 3.29 -3.11 13.93
CA SER A 7 2.53 -2.24 13.05
C SER A 7 1.04 -2.53 13.19
N ILE A 8 0.26 -1.48 13.43
CA ILE A 8 -1.19 -1.62 13.55
C ILE A 8 -1.93 -1.16 12.29
N CYS A 9 -1.24 -0.55 11.34
CA CYS A 9 -1.87 -0.19 10.07
C CYS A 9 -0.77 0.20 9.08
N GLN A 10 -1.13 0.09 7.80
CA GLN A 10 -0.30 0.55 6.69
C GLN A 10 -1.21 1.30 5.74
N ALA A 11 -0.81 2.50 5.35
CA ALA A 11 -1.62 3.32 4.45
C ALA A 11 -0.71 4.03 3.45
N ARG A 12 -1.19 4.17 2.22
CA ARG A 12 -0.46 4.87 1.17
C ARG A 12 -0.81 6.35 1.21
N ALA A 13 0.22 7.20 1.29
CA ALA A 13 -0.05 8.63 1.35
C ALA A 13 1.22 9.38 0.98
N ALA A 14 1.03 10.57 0.42
CA ALA A 14 2.12 11.53 0.25
C ALA A 14 2.23 12.33 1.54
N VAL A 15 3.37 12.23 2.21
CA VAL A 15 3.59 12.86 3.50
C VAL A 15 4.10 14.28 3.28
N MET A 16 3.39 15.25 3.86
N MET A 16 3.42 15.25 3.88
CA MET A 16 3.69 16.66 3.71
CA MET A 16 3.76 16.65 3.70
C MET A 16 3.97 17.28 5.07
C MET A 16 3.88 17.35 5.05
N VAL A 17 4.73 18.37 5.05
N VAL A 17 4.77 18.33 5.10
CA VAL A 17 4.95 19.19 6.24
CA VAL A 17 4.94 19.19 6.26
C VAL A 17 4.69 20.64 5.84
C VAL A 17 4.67 20.62 5.83
N TYR A 18 4.15 21.43 6.76
CA TYR A 18 3.78 22.80 6.45
C TYR A 18 4.95 23.74 6.72
N ASP A 19 5.32 24.51 5.71
CA ASP A 19 6.35 25.54 5.83
C ASP A 19 5.64 26.84 6.12
N ASP A 20 5.46 27.16 7.40
CA ASP A 20 4.65 28.31 7.79
C ASP A 20 5.19 29.60 7.21
N ALA A 21 6.51 29.78 7.21
CA ALA A 21 7.10 31.03 6.74
C ALA A 21 6.63 31.36 5.33
N ASN A 22 6.52 30.34 4.46
CA ASN A 22 6.07 30.52 3.10
C ASN A 22 4.60 30.13 2.90
N LYS A 23 3.91 29.72 3.96
CA LYS A 23 2.51 29.32 3.89
C LYS A 23 2.30 28.30 2.77
N LYS A 24 3.09 27.24 2.81
CA LYS A 24 3.15 26.26 1.74
C LYS A 24 3.38 24.89 2.34
N TRP A 25 2.69 23.88 1.80
CA TRP A 25 3.03 22.49 2.10
C TRP A 25 4.22 22.08 1.25
N VAL A 26 5.13 21.31 1.86
CA VAL A 26 6.28 20.78 1.14
C VAL A 26 6.40 19.29 1.42
N PRO A 27 6.95 18.51 0.49
CA PRO A 27 7.05 17.06 0.72
C PRO A 27 7.97 16.76 1.89
N ALA A 28 7.52 15.85 2.76
CA ALA A 28 8.36 15.44 3.87
C ALA A 28 9.64 14.80 3.35
N GLY A 29 10.76 15.12 4.00
CA GLY A 29 12.05 14.67 3.55
C GLY A 29 12.52 15.29 2.26
N GLY A 30 11.79 16.26 1.73
CA GLY A 30 12.16 16.90 0.48
C GLY A 30 12.04 16.01 -0.72
N SER A 31 11.22 14.96 -0.66
CA SER A 31 11.14 13.95 -1.71
C SER A 31 9.68 13.74 -2.09
N THR A 32 9.26 14.33 -3.20
CA THR A 32 7.89 14.15 -3.67
C THR A 32 7.62 12.69 -3.99
N GLY A 33 6.40 12.26 -3.71
CA GLY A 33 5.98 10.91 -3.98
C GLY A 33 5.24 10.30 -2.81
N PHE A 34 4.75 9.09 -3.03
CA PHE A 34 3.96 8.41 -2.02
C PHE A 34 4.85 7.55 -1.13
N SER A 35 4.40 7.38 0.11
CA SER A 35 5.08 6.57 1.11
C SER A 35 4.12 5.52 1.65
N ARG A 36 4.69 4.47 2.22
CA ARG A 36 3.94 3.53 3.04
C ARG A 36 4.03 4.02 4.49
N VAL A 37 2.88 4.39 5.06
CA VAL A 37 2.83 5.03 6.36
C VAL A 37 2.25 4.04 7.37
N HIS A 38 3.01 3.75 8.41
CA HIS A 38 2.58 2.87 9.50
C HIS A 38 2.25 3.69 10.73
N ILE A 39 1.42 3.10 11.58
CA ILE A 39 1.41 3.41 13.00
C ILE A 39 2.00 2.20 13.71
N TYR A 40 3.09 2.43 14.43
CA TYR A 40 3.76 1.37 15.18
C TYR A 40 3.42 1.49 16.65
N HIS A 41 3.12 0.35 17.27
CA HIS A 41 2.77 0.29 18.68
C HIS A 41 3.93 -0.36 19.44
N HIS A 42 4.45 0.35 20.43
CA HIS A 42 5.44 -0.19 21.35
C HIS A 42 4.69 -0.58 22.62
N THR A 43 4.52 -1.88 22.85
CA THR A 43 3.67 -2.34 23.94
C THR A 43 4.29 -2.09 25.30
N GLY A 44 5.63 -2.04 25.38
CA GLY A 44 6.29 -1.91 26.67
C GLY A 44 5.78 -0.74 27.48
N ASN A 45 5.57 0.41 26.84
CA ASN A 45 5.05 1.61 27.51
C ASN A 45 3.81 2.15 26.81
N ASN A 46 3.15 1.33 25.99
CA ASN A 46 1.94 1.71 25.26
C ASN A 46 2.11 3.07 24.56
N THR A 47 3.13 3.15 23.71
CA THR A 47 3.37 4.33 22.90
C THR A 47 3.15 4.00 21.43
N PHE A 48 2.80 5.03 20.66
CA PHE A 48 2.53 4.90 19.23
C PHE A 48 3.30 5.96 18.48
N ARG A 49 3.72 5.64 17.27
N ARG A 49 3.73 5.63 17.26
CA ARG A 49 4.41 6.59 16.41
CA ARG A 49 4.44 6.55 16.41
C ARG A 49 4.03 6.35 14.96
C ARG A 49 4.00 6.35 14.97
N VAL A 50 4.01 7.44 14.20
CA VAL A 50 3.74 7.40 12.78
C VAL A 50 5.09 7.34 12.07
N VAL A 51 5.30 6.29 11.27
CA VAL A 51 6.55 6.10 10.54
C VAL A 51 6.22 5.84 9.07
N GLY A 52 6.74 6.67 8.19
CA GLY A 52 6.49 6.53 6.77
C GLY A 52 7.77 6.49 5.98
N ARG A 53 7.80 5.62 4.96
N ARG A 53 7.80 5.62 4.97
CA ARG A 53 8.96 5.43 4.11
CA ARG A 53 8.97 5.44 4.12
C ARG A 53 8.55 5.54 2.65
C ARG A 53 8.55 5.54 2.65
N LYS A 54 9.35 6.24 1.86
CA LYS A 54 9.07 6.37 0.44
C LYS A 54 9.00 4.99 -0.21
N ILE A 55 8.00 4.80 -1.07
CA ILE A 55 7.85 3.53 -1.76
C ILE A 55 9.09 3.21 -2.58
N GLN A 56 9.67 4.21 -3.23
CA GLN A 56 10.77 3.97 -4.18
C GLN A 56 12.08 3.65 -3.46
N ASP A 57 12.64 4.62 -2.75
CA ASP A 57 13.98 4.48 -2.19
C ASP A 57 13.99 4.20 -0.68
N HIS A 58 12.83 4.04 -0.05
CA HIS A 58 12.72 3.59 1.33
C HIS A 58 13.14 4.66 2.34
N GLN A 59 13.36 5.90 1.91
CA GLN A 59 13.77 6.95 2.85
C GLN A 59 12.68 7.17 3.89
N VAL A 60 13.07 7.20 5.16
CA VAL A 60 12.15 7.59 6.22
C VAL A 60 11.88 9.08 6.11
N VAL A 61 10.63 9.45 5.83
CA VAL A 61 10.25 10.85 5.70
C VAL A 61 9.44 11.36 6.88
N ILE A 62 8.93 10.49 7.74
CA ILE A 62 8.23 10.91 8.95
C ILE A 62 8.47 9.85 10.02
N ASN A 63 8.72 10.31 11.24
CA ASN A 63 8.92 9.43 12.40
C ASN A 63 8.56 10.30 13.60
N CYS A 64 7.27 10.33 13.94
CA CYS A 64 6.77 11.26 14.94
CA CYS A 64 6.75 11.27 14.93
C CYS A 64 5.89 10.55 15.95
N ALA A 65 6.01 10.97 17.20
CA ALA A 65 5.22 10.40 18.28
C ALA A 65 3.75 10.81 18.16
N ILE A 66 2.88 9.95 18.66
CA ILE A 66 1.45 10.26 18.78
C ILE A 66 1.18 10.52 20.26
N PRO A 67 1.06 11.78 20.69
CA PRO A 67 0.81 12.05 22.10
C PRO A 67 -0.65 11.93 22.48
N LYS A 68 -0.88 11.57 23.73
CA LYS A 68 -2.24 11.56 24.27
C LYS A 68 -2.85 12.95 24.09
N GLY A 69 -4.10 12.99 23.63
CA GLY A 69 -4.81 14.23 23.46
C GLY A 69 -4.67 14.89 22.11
N LEU A 70 -3.90 14.29 21.20
CA LEU A 70 -3.69 14.88 19.89
C LEU A 70 -5.03 15.15 19.20
N LYS A 71 -5.12 16.29 18.54
CA LYS A 71 -6.26 16.64 17.71
C LYS A 71 -5.93 16.26 16.27
N TYR A 72 -6.57 15.18 15.80
CA TYR A 72 -6.37 14.65 14.46
C TYR A 72 -7.47 15.20 13.58
N ASN A 73 -7.11 16.08 12.64
CA ASN A 73 -8.08 16.81 11.83
C ASN A 73 -8.25 16.11 10.49
N GLN A 74 -9.46 15.59 10.24
CA GLN A 74 -9.77 14.97 8.95
C GLN A 74 -10.33 16.06 8.04
N ALA A 75 -9.41 16.85 7.49
CA ALA A 75 -9.78 18.02 6.70
C ALA A 75 -10.69 17.62 5.55
N THR A 76 -10.31 16.58 4.82
CA THR A 76 -11.13 16.02 3.75
C THR A 76 -11.08 14.50 3.88
N GLN A 77 -11.84 13.83 3.01
CA GLN A 77 -11.85 12.38 3.03
C GLN A 77 -10.54 11.76 2.59
N THR A 78 -9.61 12.55 2.03
CA THR A 78 -8.32 12.03 1.59
C THR A 78 -7.13 12.85 2.07
N PHE A 79 -7.33 13.89 2.89
CA PHE A 79 -6.23 14.65 3.47
C PHE A 79 -6.50 14.85 4.95
N HIS A 80 -5.65 14.26 5.79
CA HIS A 80 -5.72 14.43 7.23
C HIS A 80 -4.44 15.09 7.72
N GLN A 81 -4.53 15.73 8.88
CA GLN A 81 -3.41 16.54 9.35
C GLN A 81 -3.44 16.61 10.87
N TRP A 82 -2.27 16.87 11.43
CA TRP A 82 -2.14 17.10 12.87
C TRP A 82 -0.89 17.94 13.09
N ARG A 83 -0.71 18.39 14.33
CA ARG A 83 0.40 19.27 14.64
C ARG A 83 0.99 18.87 15.98
N ASP A 84 2.26 19.23 16.15
CA ASP A 84 2.90 19.16 17.46
C ASP A 84 3.53 20.51 17.76
N ALA A 85 4.37 20.56 18.78
CA ALA A 85 4.97 21.83 19.18
C ALA A 85 5.95 22.38 18.15
N ARG A 86 6.36 21.55 17.17
N ARG A 86 6.37 21.58 17.16
CA ARG A 86 7.41 21.89 16.22
CA ARG A 86 7.37 22.04 16.21
C ARG A 86 6.90 22.03 14.80
C ARG A 86 6.89 22.05 14.77
N GLN A 87 6.08 21.09 14.33
CA GLN A 87 5.72 20.99 12.93
C GLN A 87 4.24 20.67 12.77
N VAL A 88 3.75 20.92 11.56
CA VAL A 88 2.42 20.49 11.13
C VAL A 88 2.61 19.42 10.07
N TYR A 89 1.94 18.29 10.25
CA TYR A 89 2.04 17.15 9.34
C TYR A 89 0.73 16.99 8.57
N GLY A 90 0.85 16.56 7.32
CA GLY A 90 -0.29 16.26 6.49
C GLY A 90 -0.09 14.97 5.72
N LEU A 91 -1.16 14.19 5.58
CA LEU A 91 -1.13 12.94 4.81
C LEU A 91 -2.14 13.07 3.68
N ASN A 92 -1.64 13.10 2.45
CA ASN A 92 -2.50 13.12 1.27
C ASN A 92 -2.62 11.67 0.81
N PHE A 93 -3.70 11.02 1.24
CA PHE A 93 -3.84 9.59 1.03
C PHE A 93 -4.11 9.26 -0.44
N GLY A 94 -3.64 8.08 -0.85
CA GLY A 94 -3.86 7.64 -2.22
C GLY A 94 -5.27 7.23 -2.52
N SER A 95 -6.09 7.02 -1.49
CA SER A 95 -7.48 6.63 -1.67
C SER A 95 -8.21 6.89 -0.36
N LYS A 96 -9.55 6.94 -0.46
CA LYS A 96 -10.36 7.06 0.75
C LYS A 96 -10.22 5.84 1.64
N GLU A 97 -10.01 4.65 1.05
CA GLU A 97 -9.81 3.46 1.86
C GLU A 97 -8.55 3.58 2.71
N ASP A 98 -7.46 4.08 2.11
CA ASP A 98 -6.23 4.32 2.88
C ASP A 98 -6.48 5.30 4.02
N ALA A 99 -7.20 6.38 3.72
CA ALA A 99 -7.50 7.37 4.75
C ALA A 99 -8.32 6.77 5.88
N ASN A 100 -9.30 5.93 5.55
CA ASN A 100 -10.13 5.30 6.58
C ASN A 100 -9.32 4.34 7.43
N VAL A 101 -8.46 3.54 6.79
CA VAL A 101 -7.61 2.61 7.54
C VAL A 101 -6.73 3.37 8.53
N PHE A 102 -6.07 4.42 8.07
CA PHE A 102 -5.15 5.15 8.93
C PHE A 102 -5.90 5.88 10.04
N ALA A 103 -6.99 6.56 9.70
CA ALA A 103 -7.76 7.27 10.72
C ALA A 103 -8.29 6.31 11.78
N SER A 104 -8.69 5.10 11.37
N SER A 104 -8.69 5.10 11.37
CA SER A 104 -9.19 4.14 12.34
CA SER A 104 -9.19 4.13 12.33
C SER A 104 -8.12 3.74 13.34
C SER A 104 -8.10 3.76 13.34
N ALA A 105 -6.90 3.49 12.85
CA ALA A 105 -5.81 3.13 13.75
C ALA A 105 -5.40 4.32 14.62
N MET A 106 -5.35 5.51 14.04
CA MET A 106 -5.03 6.72 14.81
C MET A 106 -6.05 6.93 15.92
N MET A 107 -7.34 6.87 15.59
CA MET A 107 -8.36 7.08 16.59
C MET A 107 -8.33 6.01 17.66
N HIS A 108 -8.00 4.77 17.29
CA HIS A 108 -7.82 3.72 18.29
C HIS A 108 -6.69 4.06 19.24
N ALA A 109 -5.53 4.42 18.69
CA ALA A 109 -4.38 4.76 19.53
C ALA A 109 -4.74 5.88 20.50
N LEU A 110 -5.41 6.92 20.01
CA LEU A 110 -5.78 8.04 20.87
C LEU A 110 -6.79 7.64 21.94
N GLU A 111 -7.52 6.54 21.72
CA GLU A 111 -8.50 6.09 22.70
C GLU A 111 -7.84 5.28 23.81
N VAL A 112 -6.77 4.54 23.51
CA VAL A 112 -6.13 3.68 24.51
C VAL A 112 -4.94 4.35 25.17
N LEU A 113 -4.54 5.54 24.74
CA LEU A 113 -3.47 6.27 25.39
C LEU A 113 -3.96 6.90 26.69
N GLU B 5 6.42 -18.16 6.98
CA GLU B 5 6.12 -17.35 5.81
C GLU B 5 6.67 -15.95 5.99
N GLN B 6 7.51 -15.51 5.05
CA GLN B 6 8.07 -14.16 5.06
C GLN B 6 7.62 -13.42 3.81
N SER B 7 7.12 -12.20 3.99
CA SER B 7 6.70 -11.39 2.86
C SER B 7 7.92 -10.73 2.22
N ILE B 8 8.06 -10.89 0.90
CA ILE B 8 9.18 -10.27 0.19
C ILE B 8 8.76 -9.02 -0.58
N CYS B 9 7.47 -8.71 -0.66
CA CYS B 9 7.01 -7.47 -1.26
C CYS B 9 5.54 -7.27 -0.94
N GLN B 10 5.11 -6.02 -1.02
CA GLN B 10 3.72 -5.64 -0.90
C GLN B 10 3.43 -4.64 -2.01
N ALA B 11 2.36 -4.88 -2.76
CA ALA B 11 2.01 -4.00 -3.87
C ALA B 11 0.50 -3.82 -3.90
N ARG B 12 0.07 -2.61 -4.25
CA ARG B 12 -1.34 -2.30 -4.37
C ARG B 12 -1.81 -2.62 -5.78
N ALA B 13 -2.87 -3.43 -5.89
CA ALA B 13 -3.36 -3.79 -7.21
C ALA B 13 -4.78 -4.32 -7.10
N ALA B 14 -5.55 -4.11 -8.17
CA ALA B 14 -6.83 -4.77 -8.34
C ALA B 14 -6.57 -6.13 -8.96
N VAL B 15 -6.93 -7.19 -8.25
CA VAL B 15 -6.65 -8.55 -8.70
C VAL B 15 -7.81 -9.00 -9.58
N MET B 16 -7.47 -9.46 -10.78
N MET B 16 -7.48 -9.48 -10.78
CA MET B 16 -8.44 -9.88 -11.78
CA MET B 16 -8.48 -9.89 -11.75
C MET B 16 -8.19 -11.32 -12.19
C MET B 16 -8.19 -11.29 -12.24
N VAL B 17 -9.23 -11.98 -12.67
CA VAL B 17 -9.11 -13.30 -13.29
C VAL B 17 -9.85 -13.25 -14.61
N TYR B 18 -9.38 -14.02 -15.59
CA TYR B 18 -9.94 -13.97 -16.92
C TYR B 18 -11.03 -15.03 -17.07
N ASP B 19 -12.21 -14.59 -17.47
CA ASP B 19 -13.33 -15.50 -17.73
C ASP B 19 -13.29 -15.81 -19.22
N ASP B 20 -12.64 -16.92 -19.56
CA ASP B 20 -12.41 -17.26 -20.97
C ASP B 20 -13.72 -17.37 -21.74
N ALA B 21 -14.73 -18.00 -21.14
CA ALA B 21 -15.99 -18.22 -21.85
C ALA B 21 -16.60 -16.91 -22.33
N ASN B 22 -16.52 -15.86 -21.50
CA ASN B 22 -17.07 -14.55 -21.84
C ASN B 22 -16.02 -13.56 -22.33
N LYS B 23 -14.76 -13.98 -22.43
CA LYS B 23 -13.68 -13.11 -22.88
C LYS B 23 -13.68 -11.79 -22.10
N LYS B 24 -13.69 -11.93 -20.77
CA LYS B 24 -13.88 -10.78 -19.89
C LYS B 24 -13.03 -10.99 -18.64
N TRP B 25 -12.39 -9.91 -18.19
CA TRP B 25 -11.77 -9.90 -16.89
C TRP B 25 -12.83 -9.67 -15.82
N VAL B 26 -12.69 -10.34 -14.69
N VAL B 26 -12.71 -10.37 -14.71
CA VAL B 26 -13.64 -10.28 -13.59
CA VAL B 26 -13.65 -10.22 -13.61
C VAL B 26 -12.86 -10.11 -12.30
C VAL B 26 -12.85 -10.07 -12.31
N PRO B 27 -13.33 -9.31 -11.34
CA PRO B 27 -12.56 -9.13 -10.10
C PRO B 27 -12.41 -10.45 -9.34
N ALA B 28 -11.19 -10.71 -8.88
CA ALA B 28 -10.92 -11.90 -8.09
C ALA B 28 -11.76 -11.88 -6.82
N GLY B 29 -12.30 -13.06 -6.48
CA GLY B 29 -13.19 -13.15 -5.34
C GLY B 29 -14.52 -12.48 -5.55
N GLY B 30 -14.80 -11.99 -6.77
CA GLY B 30 -16.05 -11.31 -7.04
C GLY B 30 -16.22 -9.98 -6.34
N SER B 31 -15.12 -9.33 -5.95
CA SER B 31 -15.16 -8.12 -5.13
C SER B 31 -14.31 -7.05 -5.80
N THR B 32 -14.96 -6.11 -6.49
CA THR B 32 -14.24 -5.02 -7.12
C THR B 32 -13.50 -4.21 -6.07
N GLY B 33 -12.32 -3.74 -6.42
CA GLY B 33 -11.52 -2.91 -5.55
C GLY B 33 -10.08 -3.36 -5.51
N PHE B 34 -9.27 -2.58 -4.80
CA PHE B 34 -7.84 -2.84 -4.71
C PHE B 34 -7.53 -3.73 -3.51
N SER B 35 -6.44 -4.48 -3.65
CA SER B 35 -5.94 -5.37 -2.61
C SER B 35 -4.49 -5.05 -2.32
N ARG B 36 -4.03 -5.47 -1.14
CA ARG B 36 -2.60 -5.51 -0.84
C ARG B 36 -2.10 -6.89 -1.21
N VAL B 37 -1.20 -6.95 -2.19
CA VAL B 37 -0.76 -8.20 -2.78
C VAL B 37 0.68 -8.45 -2.33
N HIS B 38 0.90 -9.58 -1.68
CA HIS B 38 2.21 -10.01 -1.24
C HIS B 38 2.73 -11.12 -2.13
N ILE B 39 4.06 -11.26 -2.13
CA ILE B 39 4.70 -12.53 -2.43
C ILE B 39 5.29 -13.04 -1.12
N TYR B 40 4.85 -14.22 -0.70
CA TYR B 40 5.31 -14.82 0.54
C TYR B 40 6.30 -15.94 0.21
N HIS B 41 7.41 -15.96 0.94
CA HIS B 41 8.46 -16.95 0.75
C HIS B 41 8.43 -17.92 1.92
N HIS B 42 8.29 -19.21 1.61
CA HIS B 42 8.41 -20.27 2.59
C HIS B 42 9.81 -20.86 2.45
N THR B 43 10.68 -20.57 3.42
CA THR B 43 12.09 -20.94 3.29
C THR B 43 12.30 -22.43 3.42
N GLY B 44 11.42 -23.13 4.14
CA GLY B 44 11.62 -24.56 4.37
C GLY B 44 11.84 -25.34 3.08
N ASN B 45 11.07 -25.06 2.04
CA ASN B 45 11.22 -25.72 0.75
C ASN B 45 11.41 -24.72 -0.38
N ASN B 46 11.79 -23.48 -0.06
CA ASN B 46 12.02 -22.43 -1.04
C ASN B 46 10.87 -22.34 -2.05
N THR B 47 9.67 -22.15 -1.52
CA THR B 47 8.47 -21.94 -2.33
C THR B 47 7.98 -20.51 -2.15
N PHE B 48 7.27 -20.02 -3.16
CA PHE B 48 6.72 -18.68 -3.17
C PHE B 48 5.26 -18.73 -3.59
N ARG B 49 4.45 -17.83 -3.03
N ARG B 49 4.46 -17.83 -3.02
CA ARG B 49 3.05 -17.76 -3.40
CA ARG B 49 3.05 -17.75 -3.35
C ARG B 49 2.60 -16.31 -3.39
C ARG B 49 2.63 -16.29 -3.42
N VAL B 50 1.65 -16.01 -4.25
CA VAL B 50 1.03 -14.68 -4.34
C VAL B 50 -0.24 -14.72 -3.50
N VAL B 51 -0.33 -13.85 -2.51
CA VAL B 51 -1.48 -13.77 -1.62
C VAL B 51 -1.93 -12.32 -1.56
N GLY B 52 -3.18 -12.09 -1.91
CA GLY B 52 -3.74 -10.74 -1.92
C GLY B 52 -5.02 -10.67 -1.11
N ARG B 53 -5.16 -9.57 -0.37
CA ARG B 53 -6.31 -9.35 0.49
C ARG B 53 -6.90 -7.99 0.20
N LYS B 54 -8.23 -7.94 0.09
CA LYS B 54 -8.90 -6.67 -0.14
C LYS B 54 -8.53 -5.69 0.97
N ILE B 55 -8.27 -4.44 0.59
CA ILE B 55 -7.93 -3.41 1.57
C ILE B 55 -9.08 -3.25 2.56
N GLN B 56 -10.32 -3.28 2.07
CA GLN B 56 -11.47 -2.96 2.92
C GLN B 56 -11.80 -4.08 3.90
N ASP B 57 -12.27 -5.23 3.39
CA ASP B 57 -12.79 -6.28 4.26
C ASP B 57 -11.82 -7.44 4.47
N HIS B 58 -10.60 -7.35 3.94
CA HIS B 58 -9.54 -8.31 4.21
C HIS B 58 -9.76 -9.66 3.54
N GLN B 59 -10.75 -9.78 2.67
CA GLN B 59 -10.99 -11.06 2.00
C GLN B 59 -9.78 -11.46 1.18
N VAL B 60 -9.33 -12.70 1.35
CA VAL B 60 -8.31 -13.25 0.49
C VAL B 60 -8.91 -13.48 -0.89
N VAL B 61 -8.42 -12.75 -1.90
CA VAL B 61 -8.92 -12.88 -3.26
C VAL B 61 -7.98 -13.65 -4.17
N ILE B 62 -6.74 -13.86 -3.77
CA ILE B 62 -5.80 -14.66 -4.54
C ILE B 62 -4.83 -15.34 -3.57
N ASN B 63 -4.54 -16.61 -3.84
CA ASN B 63 -3.58 -17.39 -3.05
C ASN B 63 -3.08 -18.49 -4.00
N CYS B 64 -2.09 -18.15 -4.81
N CYS B 64 -2.04 -18.16 -4.74
CA CYS B 64 -1.65 -19.05 -5.86
CA CYS B 64 -1.59 -18.92 -5.90
C CYS B 64 -0.14 -19.24 -5.79
C CYS B 64 -0.10 -19.23 -5.75
N ALA B 65 0.28 -20.45 -6.16
CA ALA B 65 1.69 -20.81 -6.15
C ALA B 65 2.41 -20.15 -7.30
N ILE B 66 3.70 -19.91 -7.11
CA ILE B 66 4.59 -19.45 -8.19
C ILE B 66 5.46 -20.62 -8.58
N PRO B 67 5.17 -21.30 -9.69
CA PRO B 67 5.99 -22.45 -10.07
C PRO B 67 7.25 -22.04 -10.82
N LYS B 68 8.29 -22.86 -10.67
CA LYS B 68 9.51 -22.66 -11.44
C LYS B 68 9.18 -22.64 -12.93
N GLY B 69 9.73 -21.66 -13.63
CA GLY B 69 9.53 -21.55 -15.07
C GLY B 69 8.36 -20.70 -15.49
N LEU B 70 7.59 -20.15 -14.55
CA LEU B 70 6.43 -19.34 -14.88
C LEU B 70 6.81 -18.22 -15.84
N LYS B 71 5.94 -17.98 -16.81
CA LYS B 71 6.08 -16.86 -17.74
C LYS B 71 5.25 -15.70 -17.19
N TYR B 72 5.94 -14.70 -16.65
CA TYR B 72 5.30 -13.52 -16.07
C TYR B 72 5.28 -12.43 -17.13
N ASN B 73 4.08 -12.10 -17.61
CA ASN B 73 3.92 -11.18 -18.74
C ASN B 73 3.62 -9.79 -18.24
N GLN B 74 4.53 -8.85 -18.50
CA GLN B 74 4.32 -7.44 -18.15
C GLN B 74 3.64 -6.76 -19.34
N ALA B 75 2.33 -7.01 -19.46
CA ALA B 75 1.57 -6.54 -20.61
C ALA B 75 1.73 -5.03 -20.79
N THR B 76 1.57 -4.28 -19.70
CA THR B 76 1.80 -2.85 -19.72
C THR B 76 2.60 -2.50 -18.46
N GLN B 77 2.93 -1.22 -18.32
CA GLN B 77 3.67 -0.78 -17.14
C GLN B 77 2.85 -0.86 -15.87
N THR B 78 1.53 -1.07 -15.97
CA THR B 78 0.68 -1.18 -14.80
C THR B 78 -0.25 -2.39 -14.79
N PHE B 79 -0.16 -3.27 -15.77
CA PHE B 79 -0.96 -4.50 -15.78
C PHE B 79 -0.06 -5.67 -16.12
N HIS B 80 0.13 -6.58 -15.18
CA HIS B 80 0.91 -7.78 -15.39
C HIS B 80 0.01 -9.01 -15.20
N GLN B 81 0.40 -10.12 -15.81
CA GLN B 81 -0.47 -11.28 -15.83
C GLN B 81 0.37 -12.55 -15.94
N TRP B 82 -0.24 -13.66 -15.50
CA TRP B 82 0.36 -15.00 -15.63
C TRP B 82 -0.78 -16.01 -15.57
N ARG B 83 -0.45 -17.28 -15.73
N ARG B 83 -0.42 -17.28 -15.75
CA ARG B 83 -1.48 -18.30 -15.71
CA ARG B 83 -1.39 -18.38 -15.84
C ARG B 83 -0.97 -19.57 -15.08
C ARG B 83 -0.95 -19.54 -14.95
N ASP B 84 -1.91 -20.42 -14.68
CA ASP B 84 -1.62 -21.76 -14.21
C ASP B 84 -2.40 -22.71 -15.12
N ALA B 85 -2.53 -23.97 -14.74
CA ALA B 85 -3.22 -24.93 -15.60
C ALA B 85 -4.72 -24.67 -15.70
N ARG B 86 -5.25 -23.75 -14.92
CA ARG B 86 -6.70 -23.55 -14.85
C ARG B 86 -7.13 -22.12 -15.12
N GLN B 87 -6.43 -21.14 -14.57
CA GLN B 87 -6.88 -19.75 -14.62
C GLN B 87 -5.77 -18.84 -15.12
N VAL B 88 -6.20 -17.65 -15.55
CA VAL B 88 -5.31 -16.54 -15.89
C VAL B 88 -5.53 -15.45 -14.86
N TYR B 89 -4.44 -14.99 -14.26
CA TYR B 89 -4.47 -13.97 -13.22
C TYR B 89 -3.92 -12.67 -13.78
N GLY B 90 -4.50 -11.56 -13.34
CA GLY B 90 -4.02 -10.25 -13.74
C GLY B 90 -3.98 -9.31 -12.55
N LEU B 91 -2.95 -8.46 -12.51
CA LEU B 91 -2.80 -7.46 -11.46
C LEU B 91 -2.81 -6.09 -12.13
N ASN B 92 -3.84 -5.30 -11.85
CA ASN B 92 -3.92 -3.92 -12.31
C ASN B 92 -3.39 -3.05 -11.18
N PHE B 93 -2.11 -2.70 -11.26
CA PHE B 93 -1.45 -2.02 -10.17
C PHE B 93 -1.92 -0.58 -10.03
N GLY B 94 -1.89 -0.08 -8.80
CA GLY B 94 -2.30 1.29 -8.53
C GLY B 94 -1.32 2.34 -8.99
N SER B 95 -0.09 1.94 -9.30
CA SER B 95 0.93 2.87 -9.77
C SER B 95 2.04 2.07 -10.43
N LYS B 96 2.86 2.78 -11.21
CA LYS B 96 4.03 2.15 -11.81
C LYS B 96 5.01 1.68 -10.74
N GLU B 97 5.10 2.41 -9.63
CA GLU B 97 5.98 2.00 -8.54
C GLU B 97 5.55 0.65 -7.97
N ASP B 98 4.24 0.47 -7.76
CA ASP B 98 3.73 -0.80 -7.28
C ASP B 98 4.05 -1.91 -8.27
N ALA B 99 3.86 -1.65 -9.56
CA ALA B 99 4.15 -2.66 -10.57
C ALA B 99 5.63 -3.04 -10.55
N ASN B 100 6.51 -2.04 -10.42
CA ASN B 100 7.95 -2.31 -10.39
C ASN B 100 8.34 -3.11 -9.16
N VAL B 101 7.79 -2.77 -7.99
CA VAL B 101 8.09 -3.50 -6.78
C VAL B 101 7.71 -4.97 -6.93
N PHE B 102 6.48 -5.22 -7.40
CA PHE B 102 5.99 -6.58 -7.49
C PHE B 102 6.75 -7.36 -8.55
N ALA B 103 6.96 -6.77 -9.73
CA ALA B 103 7.70 -7.45 -10.79
C ALA B 103 9.11 -7.79 -10.35
N SER B 104 9.76 -6.90 -9.60
N SER B 104 9.76 -6.89 -9.60
CA SER B 104 11.11 -7.18 -9.12
CA SER B 104 11.10 -7.17 -9.10
C SER B 104 11.12 -8.40 -8.22
C SER B 104 11.11 -8.41 -8.23
N ALA B 105 10.18 -8.48 -7.28
CA ALA B 105 10.11 -9.62 -6.38
C ALA B 105 9.75 -10.89 -7.13
N MET B 106 8.81 -10.80 -8.06
CA MET B 106 8.44 -11.95 -8.87
C MET B 106 9.64 -12.45 -9.66
N MET B 107 10.35 -11.55 -10.33
CA MET B 107 11.50 -11.97 -11.12
C MET B 107 12.60 -12.55 -10.24
N HIS B 108 12.76 -12.04 -9.02
CA HIS B 108 13.72 -12.63 -8.09
C HIS B 108 13.33 -14.06 -7.74
N ALA B 109 12.07 -14.27 -7.34
CA ALA B 109 11.62 -15.62 -7.00
C ALA B 109 11.85 -16.59 -8.15
N LEU B 110 11.52 -16.18 -9.38
CA LEU B 110 11.70 -17.06 -10.52
C LEU B 110 13.17 -17.34 -10.81
N GLU B 111 14.07 -16.48 -10.34
CA GLU B 111 15.50 -16.70 -10.56
C GLU B 111 16.08 -17.68 -9.55
N VAL B 112 15.55 -17.71 -8.32
CA VAL B 112 16.10 -18.58 -7.28
C VAL B 112 15.37 -19.90 -7.16
N LEU B 113 14.28 -20.10 -7.90
CA LEU B 113 13.59 -21.38 -7.88
C LEU B 113 14.35 -22.42 -8.69
C ACE C 1 -4.73 26.16 11.91
O ACE C 1 -5.21 27.03 12.63
CH3 ACE C 1 -3.30 26.39 11.35
H1 ACE C 1 -3.20 25.87 10.39
H2 ACE C 1 -2.57 26.01 12.05
H3 ACE C 1 -3.13 27.46 11.19
CL 2L5 C 2 -3.23 20.94 11.49
C15 2L5 C 2 -4.64 21.16 12.41
C19 2L5 C 2 -4.72 20.49 13.63
C18 2L5 C 2 -5.84 20.62 14.43
C17 2L5 C 2 -6.88 21.42 14.01
C16 2L5 C 2 -6.81 22.09 12.79
C14 2L5 C 2 -5.69 21.99 11.99
C13 2L5 C 2 -5.68 22.65 10.77
CA 2L5 C 2 -4.81 23.94 10.77
N 2L5 C 2 -5.36 25.00 11.64
C 2L5 C 2 -4.86 24.48 9.33
O 2L5 C 2 -5.88 25.00 8.89
H1 2L5 C 2 -3.89 19.85 13.95
H20 2L5 C 2 -5.90 20.10 15.39
H3 2L5 C 2 -7.77 21.53 14.63
H4 2L5 C 2 -7.64 22.73 12.48
H5 2L5 C 2 -6.62 23.03 10.51
H6 2L5 C 2 -5.21 22.10 10.02
HA 2L5 C 2 -3.79 23.71 11.07
H 2L5 C 2 -6.28 24.85 12.02
N PRO C 3 -3.75 24.35 8.59
CA PRO C 3 -3.71 24.86 7.18
C PRO C 3 -4.65 24.23 6.36
N PRO C 4 -5.00 24.86 5.22
CA PRO C 4 -5.94 24.26 4.22
C PRO C 4 -5.21 23.30 3.49
N2 8TQ C 5 -5.91 22.40 2.78
C22 8TQ C 5 -7.38 22.22 2.61
C23 8TQ C 5 -7.47 20.73 2.31
C8 8TQ C 5 -6.43 20.66 1.23
C21 8TQ C 5 -5.27 21.27 1.99
C25 8TQ C 5 -4.28 21.65 1.06
O7 8TQ C 5 -4.13 22.83 0.75
C7 8TQ C 5 -6.13 19.36 0.82
C6 8TQ C 5 -4.89 18.76 0.58
C5 8TQ C 5 -3.59 19.30 0.67
C4 8TQ C 5 -2.71 18.71 -0.44
C3 8TQ C 5 -1.60 19.74 -0.37
C2 8TQ C 5 -2.43 21.04 -0.52
N1 8TQ C 5 -3.51 20.78 0.44
C1 8TQ C 5 -2.95 21.21 -1.81
O2 8TQ C 5 -4.02 20.69 -2.15
H27 8TQ C 5 -7.71 22.79 1.74
H26 8TQ C 5 -7.95 22.51 3.50
H28 8TQ C 5 -7.13 20.15 3.18
H29 8TQ C 5 -8.46 20.41 2.01
H30 8TQ C 5 -6.73 21.31 0.40
H31 8TQ C 5 -4.92 20.52 2.69
H32 8TQ C 5 -6.99 18.71 0.70
H33 8TQ C 5 -4.93 17.72 0.27
H34 8TQ C 5 -3.12 19.09 1.64
HZT 8TQ C 5 -2.42 17.68 -0.27
H35 8TQ C 5 -3.20 18.82 -1.41
H36 8TQ C 5 -0.83 19.63 -1.14
HZU 8TQ C 5 -1.15 19.69 0.63
H37 8TQ C 5 -1.85 21.93 -0.27
N THR C 6 -2.22 21.98 -2.61
CA THR C 6 -2.62 22.24 -4.00
C THR C 6 -1.74 21.40 -4.93
N GLU C 7 -2.18 21.32 -6.18
CA GLU C 7 -1.43 20.57 -7.20
C GLU C 7 -0.05 21.19 -7.38
N ASP C 8 0.01 22.52 -7.20
CA ASP C 8 1.28 23.25 -7.33
C ASP C 8 2.27 22.76 -6.25
N GLU C 9 1.71 22.47 -5.06
CA GLU C 9 2.53 22.00 -3.92
C GLU C 9 2.91 20.52 -4.09
CD2 NLW C 10 -1.48 17.58 -4.06
CG NLW C 10 0.05 17.55 -3.87
CD1 NLW C 10 0.60 16.85 -2.63
CB NLW C 10 0.94 17.57 -5.17
CA NLW C 10 2.21 18.30 -4.82
N NLW C 10 1.96 19.74 -4.62
C NLW C 10 3.22 18.08 -5.97
O NLW C 10 3.82 17.02 -6.08
NH2 NLW C 10 3.37 19.10 -6.81
H2 NLW C 10 -1.96 17.87 -3.12
H1 NLW C 10 -1.74 18.31 -4.83
H3 NLW C 10 -1.83 16.60 -4.35
H4 NLW C 10 -0.10 16.53 -4.20
H5 NLW C 10 -0.07 17.27 -1.87
H6 NLW C 10 0.37 15.82 -2.53
H7 NLW C 10 1.53 17.17 -2.25
H8 NLW C 10 0.30 18.07 -5.84
H9 NLW C 10 1.03 16.53 -5.33
H10 NLW C 10 2.63 17.87 -3.91
H11 NLW C 10 1.09 20.12 -4.90
H14 NLW C 10 4.01 19.01 -7.59
H15 NLW C 10 2.85 19.94 -6.68
C ACE D 1 -1.65 -16.27 -23.65
O ACE D 1 -1.95 -16.87 -22.62
CH3 ACE D 1 -1.18 -17.04 -24.88
H1 ACE D 1 -0.67 -17.95 -24.57
H2 ACE D 1 -0.49 -16.42 -25.46
H3 ACE D 1 -2.04 -17.29 -25.50
CL 2L5 D 2 -1.46 -14.50 -19.34
C15 2L5 D 2 -0.07 -14.66 -20.29
C19 2L5 D 2 0.98 -15.42 -19.80
C18 2L5 D 2 2.15 -15.58 -20.54
C17 2L5 D 2 2.25 -14.97 -21.78
C16 2L5 D 2 1.20 -14.21 -22.28
C14 2L5 D 2 0.03 -14.06 -21.55
C13 2L5 D 2 -1.00 -13.26 -22.09
CA 2L5 D 2 -2.17 -14.08 -22.69
N 2L5 D 2 -1.71 -14.94 -23.79
C 2L5 D 2 -3.20 -13.10 -23.24
O 2L5 D 2 -2.96 -12.46 -24.27
H1 2L5 D 2 0.89 -15.89 -18.81
H20 2L5 D 2 2.97 -16.16 -20.14
H3 2L5 D 2 3.16 -15.09 -22.36
H4 2L5 D 2 1.30 -13.74 -23.26
H5 2L5 D 2 -1.41 -12.65 -21.30
H6 2L5 D 2 -0.58 -12.64 -22.86
HA 2L5 D 2 -2.62 -14.70 -21.91
H 2L5 D 2 -1.45 -14.50 -24.66
N PRO D 3 -4.33 -12.94 -22.56
CA PRO D 3 -5.40 -11.98 -23.02
C PRO D 3 -4.99 -10.66 -22.81
N PRO D 4 -5.63 -9.70 -23.51
CA PRO D 4 -5.30 -8.23 -23.45
C PRO D 4 -5.77 -7.68 -22.26
N2 8TQ D 5 -5.30 -6.47 -21.92
C22 8TQ D 5 -4.31 -5.57 -22.63
C23 8TQ D 5 -3.73 -4.80 -21.45
C8 8TQ D 5 -5.01 -4.39 -20.80
C21 8TQ D 5 -5.64 -5.75 -20.66
C25 8TQ D 5 -7.00 -5.57 -20.41
O7 8TQ D 5 -7.83 -5.77 -21.29
C7 8TQ D 5 -4.82 -3.79 -19.54
C6 8TQ D 5 -5.52 -3.98 -18.35
C5 8TQ D 5 -6.61 -4.82 -18.06
C4 8TQ D 5 -7.53 -4.11 -17.08
C3 8TQ D 5 -8.71 -5.05 -17.33
C2 8TQ D 5 -8.85 -4.92 -18.86
N1 8TQ D 5 -7.46 -5.13 -19.25
C1 8TQ D 5 -9.30 -3.67 -19.27
O2 8TQ D 5 -8.50 -2.75 -19.53
H27 8TQ D 5 -4.86 -4.88 -23.28
H26 8TQ D 5 -3.55 -6.11 -23.18
H28 8TQ D 5 -3.18 -5.48 -20.79
H29 8TQ D 5 -3.08 -3.98 -21.75
H30 8TQ D 5 -5.58 -3.76 -21.48
H31 8TQ D 5 -5.13 -6.25 -19.83
H32 8TQ D 5 -3.99 -3.08 -19.49
H33 8TQ D 5 -5.17 -3.38 -17.51
H34 8TQ D 5 -6.30 -5.76 -17.62
HZT 8TQ D 5 -7.94 -3.19 -17.40
H35 8TQ D 5 -7.31 -4.17 -16.05
H36 8TQ D 5 -9.62 -4.77 -16.79
HZU 8TQ D 5 -8.41 -6.06 -17.07
H37 8TQ D 5 -9.53 -5.68 -19.27
N THR D 6 -10.62 -3.53 -19.37
CA THR D 6 -11.24 -2.26 -19.77
C THR D 6 -11.82 -1.62 -18.51
N GLU D 7 -12.16 -0.33 -18.63
CA GLU D 7 -12.70 0.40 -17.49
C GLU D 7 -14.02 -0.24 -16.98
N ASP D 8 -14.79 -0.80 -17.92
CA ASP D 8 -16.07 -1.42 -17.52
C ASP D 8 -15.79 -2.64 -16.64
N GLU D 9 -14.72 -3.37 -16.97
CA GLU D 9 -14.34 -4.58 -16.22
C GLU D 9 -13.78 -4.22 -14.84
CD2 NLW D 10 -9.27 -1.28 -15.09
CG NLW D 10 -10.24 -2.32 -14.52
CD1 NLW D 10 -9.52 -3.18 -13.52
CB NLW D 10 -11.40 -1.59 -13.83
CA NLW D 10 -12.53 -2.58 -13.50
N NLW D 10 -13.13 -3.03 -14.77
C NLW D 10 -13.54 -1.86 -12.60
O NLW D 10 -13.17 -1.34 -11.54
NH2 NLW D 10 -14.81 -1.85 -13.00
H2 NLW D 10 -8.45 -1.79 -15.59
H1 NLW D 10 -9.79 -0.65 -15.81
H3 NLW D 10 -8.88 -0.66 -14.29
H4 NLW D 10 -10.63 -2.93 -15.33
H5 NLW D 10 -8.74 -3.62 -14.15
H6 NLW D 10 -8.93 -2.68 -12.80
H7 NLW D 10 -10.01 -4.04 -13.19
H8 NLW D 10 -11.03 -1.13 -12.91
H9 NLW D 10 -11.78 -0.81 -14.49
H10 NLW D 10 -12.11 -3.42 -12.97
H11 NLW D 10 -13.04 -2.46 -15.57
H14 NLW D 10 -15.06 -2.29 -13.87
H15 NLW D 10 -15.51 -1.41 -12.46
S SO4 E . 7.96 -0.74 4.23
O1 SO4 E . 7.90 -0.74 2.77
O2 SO4 E . 9.27 -1.22 4.67
O3 SO4 E . 7.74 0.61 4.73
O4 SO4 E . 6.92 -1.64 4.75
S SO4 F . -14.62 15.94 1.63
O1 SO4 F . -14.63 17.21 0.90
O2 SO4 F . -13.55 15.09 1.12
O3 SO4 F . -14.40 16.21 3.06
O4 SO4 F . -15.90 15.27 1.46
N NO3 G . 0.57 0.86 1.88
N NO3 G . 0.67 0.97 1.43
O1 NO3 G . 0.92 -0.31 2.21
O1 NO3 G . 1.54 1.88 1.40
O2 NO3 G . -0.63 1.23 2.09
O2 NO3 G . 0.38 0.41 2.53
O3 NO3 G . 1.39 1.65 1.35
O3 NO3 G . 0.10 0.62 0.37
N NO3 H . 12.19 8.26 -3.95
O1 NO3 H . 11.59 7.67 -3.01
O2 NO3 H . 12.95 7.61 -4.72
O3 NO3 H . 12.03 9.50 -4.11
S SO4 I . -2.61 -7.06 5.04
O1 SO4 I . -1.24 -7.48 4.78
O2 SO4 I . -3.34 -6.93 3.78
O3 SO4 I . -2.60 -5.77 5.72
O4 SO4 I . -3.28 -8.05 5.88
N NO3 J . 0.34 -2.17 -0.55
O1 NO3 J . 0.89 -2.38 0.56
O2 NO3 J . -0.92 -2.31 -0.69
O3 NO3 J . 1.03 -1.79 -1.54
N NO3 K . -14.44 -5.22 0.30
O1 NO3 K . -15.04 -4.74 1.31
O2 NO3 K . -13.23 -5.55 0.37
O3 NO3 K . -15.07 -5.35 -0.80
#